data_4HDO
#
_entry.id   4HDO
#
_cell.length_a   57.850
_cell.length_b   77.750
_cell.length_c   58.850
_cell.angle_alpha   90.00
_cell.angle_beta   91.20
_cell.angle_gamma   90.00
#
_symmetry.space_group_name_H-M   'P 1 21 1'
#
loop_
_entity.id
_entity.type
_entity.pdbx_description
1 polymer 'Krev interaction trapped protein 1'
2 polymer 'Ras-related protein Rap-1b'
3 non-polymer GLYCEROL
4 non-polymer 'MAGNESIUM ION'
5 non-polymer 'PHOSPHOAMINOPHOSPHONIC ACID-GUANYLATE ESTER'
6 water water
#
loop_
_entity_poly.entity_id
_entity_poly.type
_entity_poly.pdbx_seq_one_letter_code
_entity_poly.pdbx_strand_id
1 'polypeptide(L)'
;GAKPYEKVRIYRMDGSYRSVELKHGNNTTVQQIMEGMRLSQETQQYFTIWICSENLSLQLKPYHKPLQHVRDWPEILAEL
TNLDPQRETPQLFLRRDVRLPLEVEKQIEDPLAILILFDEARYNLLKGFYTAPDAKLITLASLLLQIVYGNYESKKHKQG
FLNEENLKSIVPVTKLKSKAPHWTNRILHEYKNLSTSEGVSKEMHHLQRMFLQNCWEIPTYGAAFFTGQIFTKASPSNHK
VIPVYVGVNIKGLHLLNMETKALLISLKYGCFMWQLGDTDTCFQIHSMENKMSFIVHTKQAGLVVKLLMKLNGQLMPTER
NS
;
A
2 'polypeptide(L)'
;MREYKLVVLGSGGVGKSALTVQFVQGIFVEKYDPTIEDSYRKQVEVDAQQCMLEILDTAGTEQFTAMRDLYMKNGQGFAL
VYSITAQSTFNDLQDLREQILRVKDTDDVPMILVGNKCDLEDERVVGKEQGQNLARQWNNCAFLESSAKSKINVNEIFYD
LVRQINR
;
B
#
loop_
_chem_comp.id
_chem_comp.type
_chem_comp.name
_chem_comp.formula
GNP non-polymer 'PHOSPHOAMINOPHOSPHONIC ACID-GUANYLATE ESTER' 'C10 H17 N6 O13 P3'
GOL non-polymer GLYCEROL 'C3 H8 O3'
MG non-polymer 'MAGNESIUM ION' 'Mg 2'
#
# COMPACT_ATOMS: atom_id res chain seq x y z
N LYS A 3 -23.03 17.36 -12.71
CA LYS A 3 -22.76 17.24 -11.25
C LYS A 3 -22.54 15.79 -10.80
N PRO A 4 -23.50 14.89 -11.10
CA PRO A 4 -23.38 13.52 -10.60
C PRO A 4 -22.38 12.68 -11.41
N TYR A 5 -21.75 11.73 -10.73
CA TYR A 5 -20.78 10.83 -11.35
C TYR A 5 -20.65 9.57 -10.50
N GLU A 6 -20.09 8.53 -11.09
CA GLU A 6 -19.83 7.29 -10.36
C GLU A 6 -18.34 7.13 -10.12
N LYS A 7 -18.00 6.38 -9.08
CA LYS A 7 -16.60 6.22 -8.67
C LYS A 7 -16.39 4.89 -7.97
N VAL A 8 -15.13 4.50 -7.85
CA VAL A 8 -14.74 3.27 -7.18
C VAL A 8 -13.43 3.49 -6.43
N ARG A 9 -13.28 2.87 -5.28
CA ARG A 9 -12.03 2.90 -4.53
C ARG A 9 -11.08 1.83 -5.05
N ILE A 10 -9.85 2.22 -5.38
CA ILE A 10 -8.80 1.28 -5.74
C ILE A 10 -7.80 1.25 -4.60
N TYR A 11 -7.73 0.10 -3.94
CA TYR A 11 -6.92 -0.06 -2.74
C TYR A 11 -5.49 -0.46 -3.06
N ARG A 12 -4.59 -0.24 -2.11
CA ARG A 12 -3.27 -0.85 -2.13
C ARG A 12 -3.10 -1.71 -0.88
N MET A 13 -2.02 -2.48 -0.83
CA MET A 13 -1.86 -3.49 0.22
C MET A 13 -1.71 -2.92 1.62
N ASP A 14 -1.34 -1.65 1.75
CA ASP A 14 -1.27 -1.01 3.06
C ASP A 14 -2.65 -0.56 3.59
N GLY A 15 -3.69 -0.73 2.80
CA GLY A 15 -5.05 -0.36 3.20
C GLY A 15 -5.43 1.04 2.75
N SER A 16 -4.49 1.73 2.11
CA SER A 16 -4.77 3.04 1.50
C SER A 16 -5.66 2.83 0.28
N TYR A 17 -6.26 3.90 -0.21
CA TYR A 17 -6.99 3.84 -1.47
C TYR A 17 -7.05 5.17 -2.20
N ARG A 18 -7.28 5.10 -3.50
CA ARG A 18 -7.55 6.26 -4.33
C ARG A 18 -8.89 6.03 -4.98
N SER A 19 -9.78 7.02 -4.92
CA SER A 19 -11.04 6.94 -5.64
C SER A 19 -10.86 7.41 -7.08
N VAL A 20 -11.44 6.65 -8.00
CA VAL A 20 -11.32 6.91 -9.43
C VAL A 20 -12.71 7.06 -10.03
N GLU A 21 -12.85 8.04 -10.92
CA GLU A 21 -14.12 8.27 -11.60
C GLU A 21 -14.38 7.15 -12.60
N LEU A 22 -15.62 6.68 -12.63
CA LEU A 22 -16.06 5.66 -13.58
C LEU A 22 -16.88 6.33 -14.68
N LYS A 23 -16.21 6.76 -15.73
CA LYS A 23 -16.85 7.54 -16.80
C LYS A 23 -17.86 6.74 -17.61
N HIS A 24 -17.78 5.41 -17.54
CA HIS A 24 -18.74 4.53 -18.21
C HIS A 24 -19.42 3.58 -17.26
N GLY A 25 -19.61 4.03 -16.02
CA GLY A 25 -20.31 3.22 -15.01
C GLY A 25 -19.64 1.86 -14.80
N ASN A 26 -20.45 0.83 -14.64
CA ASN A 26 -19.91 -0.53 -14.46
C ASN A 26 -19.37 -1.15 -15.76
N ASN A 27 -19.51 -0.44 -16.88
CA ASN A 27 -18.85 -0.83 -18.13
C ASN A 27 -17.45 -0.23 -18.31
N THR A 28 -16.98 0.54 -17.32
CA THR A 28 -15.64 1.11 -17.34
C THR A 28 -14.61 -0.02 -17.27
N THR A 29 -13.58 0.05 -18.11
CA THR A 29 -12.57 -1.01 -18.18
C THR A 29 -11.39 -0.75 -17.24
N VAL A 30 -10.59 -1.79 -17.03
CA VAL A 30 -9.34 -1.70 -16.27
C VAL A 30 -8.43 -0.63 -16.86
N GLN A 31 -8.26 -0.63 -18.18
CA GLN A 31 -7.43 0.38 -18.84
C GLN A 31 -7.91 1.81 -18.57
N GLN A 32 -9.23 2.01 -18.59
CA GLN A 32 -9.82 3.32 -18.30
C GLN A 32 -9.59 3.74 -16.85
N ILE A 33 -9.70 2.78 -15.92
CA ILE A 33 -9.45 3.06 -14.50
C ILE A 33 -7.99 3.41 -14.25
N MET A 34 -7.08 2.70 -14.92
CA MET A 34 -5.65 2.98 -14.81
C MET A 34 -5.33 4.38 -15.32
N GLU A 35 -5.99 4.81 -16.40
CA GLU A 35 -5.89 6.18 -16.89
C GLU A 35 -6.35 7.17 -15.83
N GLY A 36 -7.42 6.80 -15.11
CA GLY A 36 -8.00 7.65 -14.07
C GLY A 36 -7.23 7.75 -12.77
N MET A 37 -6.13 7.00 -12.62
CA MET A 37 -5.28 7.11 -11.42
C MET A 37 -4.39 8.36 -11.53
N ARG A 38 -3.67 8.66 -10.44
CA ARG A 38 -2.61 9.68 -10.47
C ARG A 38 -1.30 8.96 -10.73
N LEU A 39 -1.13 8.47 -11.95
CA LEU A 39 0.07 7.75 -12.32
C LEU A 39 0.55 8.19 -13.68
N SER A 40 1.85 8.42 -13.78
CA SER A 40 2.49 8.71 -15.06
C SER A 40 2.47 7.48 -15.95
N GLN A 41 2.68 7.68 -17.24
CA GLN A 41 2.98 6.59 -18.16
C GLN A 41 4.27 5.89 -17.72
N GLU A 42 5.10 6.61 -16.97
CA GLU A 42 6.21 6.02 -16.22
C GLU A 42 5.69 4.98 -15.23
N THR A 43 5.01 5.46 -14.18
CA THR A 43 4.52 4.59 -13.09
C THR A 43 3.55 3.48 -13.52
N GLN A 44 2.71 3.75 -14.52
CA GLN A 44 1.58 2.85 -14.86
C GLN A 44 1.94 1.45 -15.36
N GLN A 45 2.93 1.36 -16.24
CA GLN A 45 3.29 0.10 -16.91
C GLN A 45 3.68 -1.07 -15.99
N TYR A 46 3.99 -0.77 -14.73
CA TYR A 46 4.43 -1.80 -13.77
C TYR A 46 3.28 -2.44 -12.98
N PHE A 47 2.10 -1.83 -13.06
CA PHE A 47 0.98 -2.20 -12.23
C PHE A 47 -0.30 -2.38 -13.03
N THR A 48 -1.26 -3.06 -12.43
CA THR A 48 -2.59 -3.13 -13.01
C THR A 48 -3.61 -3.42 -11.91
N ILE A 49 -4.87 -3.59 -12.31
CA ILE A 49 -5.96 -3.78 -11.36
C ILE A 49 -6.17 -5.26 -11.09
N TRP A 50 -6.26 -5.59 -9.80
CA TRP A 50 -6.59 -6.94 -9.35
C TRP A 50 -7.89 -6.90 -8.62
N ILE A 51 -8.62 -8.02 -8.66
CA ILE A 51 -9.83 -8.16 -7.82
C ILE A 51 -9.52 -9.20 -6.75
N CYS A 52 -9.70 -8.81 -5.49
CA CYS A 52 -9.24 -9.63 -4.37
C CYS A 52 -10.26 -9.71 -3.25
N SER A 53 -10.55 -10.94 -2.82
CA SER A 53 -11.26 -11.16 -1.57
C SER A 53 -10.29 -11.90 -0.65
N GLU A 54 -10.77 -12.27 0.54
CA GLU A 54 -9.92 -12.91 1.55
C GLU A 54 -9.19 -14.14 1.02
N ASN A 55 -9.84 -14.92 0.16
CA ASN A 55 -9.27 -16.20 -0.28
C ASN A 55 -9.10 -16.41 -1.81
N LEU A 56 -9.32 -15.35 -2.59
CA LEU A 56 -8.94 -15.40 -4.00
C LEU A 56 -8.55 -14.00 -4.50
N SER A 57 -7.38 -13.90 -5.13
CA SER A 57 -6.91 -12.67 -5.73
C SER A 57 -6.56 -12.95 -7.17
N LEU A 58 -7.17 -12.21 -8.09
CA LEU A 58 -6.96 -12.42 -9.53
C LEU A 58 -6.55 -11.12 -10.22
N GLN A 59 -5.55 -11.21 -11.09
CA GLN A 59 -5.17 -10.08 -11.93
C GLN A 59 -6.17 -9.95 -13.08
N LEU A 60 -6.71 -8.75 -13.26
CA LEU A 60 -7.65 -8.52 -14.36
C LEU A 60 -6.93 -8.08 -15.62
N LYS A 61 -7.55 -8.39 -16.77
CA LYS A 61 -7.05 -7.98 -18.07
C LYS A 61 -7.45 -6.53 -18.35
N PRO A 62 -6.73 -5.85 -19.25
CA PRO A 62 -7.04 -4.44 -19.52
C PRO A 62 -8.46 -4.21 -20.06
N TYR A 63 -9.03 -5.22 -20.71
CA TYR A 63 -10.37 -5.13 -21.29
C TYR A 63 -11.49 -5.57 -20.34
N HIS A 64 -11.14 -6.11 -19.17
CA HIS A 64 -12.16 -6.50 -18.19
C HIS A 64 -12.85 -5.29 -17.64
N LYS A 65 -14.09 -5.48 -17.18
CA LYS A 65 -14.87 -4.45 -16.54
C LYS A 65 -14.96 -4.79 -15.04
N PRO A 66 -14.04 -4.24 -14.22
CA PRO A 66 -13.89 -4.72 -12.84
C PRO A 66 -15.16 -4.70 -11.99
N LEU A 67 -16.02 -3.70 -12.17
CA LEU A 67 -17.22 -3.60 -11.34
C LEU A 67 -18.20 -4.73 -11.67
N GLN A 68 -18.16 -5.24 -12.90
CA GLN A 68 -18.94 -6.42 -13.28
C GLN A 68 -18.37 -7.70 -12.67
N HIS A 69 -17.06 -7.76 -12.47
CA HIS A 69 -16.44 -8.89 -11.77
C HIS A 69 -16.81 -8.91 -10.30
N VAL A 70 -16.91 -7.71 -9.70
CA VAL A 70 -17.38 -7.59 -8.31
C VAL A 70 -18.82 -8.09 -8.21
N ARG A 71 -19.68 -7.59 -9.10
CA ARG A 71 -21.08 -8.02 -9.20
C ARG A 71 -21.20 -9.54 -9.32
N ASP A 72 -20.37 -10.14 -10.18
CA ASP A 72 -20.45 -11.56 -10.50
C ASP A 72 -19.56 -12.45 -9.62
N TRP A 73 -19.04 -11.90 -8.51
CA TRP A 73 -18.09 -12.63 -7.69
C TRP A 73 -18.57 -13.98 -7.21
N PRO A 74 -19.83 -14.09 -6.77
CA PRO A 74 -20.34 -15.41 -6.36
C PRO A 74 -20.22 -16.47 -7.46
N GLU A 75 -20.49 -16.06 -8.69
CA GLU A 75 -20.44 -16.97 -9.84
C GLU A 75 -18.97 -17.31 -10.17
N ILE A 76 -18.11 -16.30 -10.11
CA ILE A 76 -16.67 -16.50 -10.34
C ILE A 76 -16.09 -17.46 -9.29
N LEU A 77 -16.45 -17.26 -8.02
CA LEU A 77 -16.00 -18.16 -6.94
C LEU A 77 -16.48 -19.59 -7.16
N ALA A 78 -17.73 -19.75 -7.60
CA ALA A 78 -18.30 -21.06 -7.90
C ALA A 78 -17.58 -21.75 -9.07
N GLU A 79 -17.14 -20.96 -10.06
CA GLU A 79 -16.44 -21.51 -11.22
C GLU A 79 -15.00 -21.92 -10.89
N LEU A 80 -14.34 -21.13 -10.04
CA LEU A 80 -12.90 -21.27 -9.83
C LEU A 80 -12.50 -21.92 -8.50
N THR A 81 -13.44 -22.03 -7.56
CA THR A 81 -13.11 -22.47 -6.19
C THR A 81 -14.23 -23.32 -5.58
N ASN A 82 -14.14 -23.54 -4.27
CA ASN A 82 -15.23 -24.11 -3.46
C ASN A 82 -15.50 -23.24 -2.23
N LEU A 83 -15.27 -21.94 -2.35
CA LEU A 83 -15.33 -21.03 -1.21
C LEU A 83 -16.75 -20.63 -0.81
N ASP A 84 -16.88 -20.28 0.47
CA ASP A 84 -18.04 -19.56 1.01
C ASP A 84 -18.23 -18.18 0.34
N PRO A 85 -19.21 -18.05 -0.57
CA PRO A 85 -19.27 -16.77 -1.30
C PRO A 85 -19.67 -15.57 -0.43
N GLN A 86 -20.64 -15.78 0.46
CA GLN A 86 -21.11 -14.75 1.41
C GLN A 86 -20.00 -13.99 2.15
N ARG A 87 -18.94 -14.72 2.52
CA ARG A 87 -17.87 -14.14 3.35
C ARG A 87 -16.84 -13.42 2.49
N GLU A 88 -16.74 -13.81 1.22
CA GLU A 88 -15.88 -13.12 0.27
C GLU A 88 -16.61 -11.89 -0.28
N THR A 89 -16.14 -10.71 0.11
CA THR A 89 -16.55 -9.46 -0.51
C THR A 89 -15.32 -8.90 -1.20
N PRO A 90 -15.34 -8.80 -2.54
CA PRO A 90 -14.10 -8.41 -3.19
C PRO A 90 -13.92 -6.90 -3.24
N GLN A 91 -12.66 -6.48 -3.33
CA GLN A 91 -12.30 -5.08 -3.55
C GLN A 91 -11.33 -5.05 -4.71
N LEU A 92 -11.18 -3.87 -5.32
CA LEU A 92 -10.23 -3.68 -6.40
C LEU A 92 -8.93 -3.10 -5.86
N PHE A 93 -7.81 -3.65 -6.30
CA PHE A 93 -6.49 -3.25 -5.82
C PHE A 93 -5.60 -2.88 -6.99
N LEU A 94 -4.69 -1.94 -6.75
CA LEU A 94 -3.58 -1.69 -7.64
C LEU A 94 -2.39 -2.53 -7.17
N ARG A 95 -1.95 -3.48 -7.98
CA ARG A 95 -0.83 -4.33 -7.61
C ARG A 95 0.13 -4.52 -8.78
N ARG A 96 1.32 -5.02 -8.46
CA ARG A 96 2.31 -5.37 -9.47
C ARG A 96 1.70 -6.26 -10.56
N ASP A 97 2.01 -5.93 -11.81
CA ASP A 97 1.63 -6.75 -12.94
C ASP A 97 2.49 -8.02 -12.90
N VAL A 98 1.84 -9.18 -12.87
CA VAL A 98 2.57 -10.45 -12.77
C VAL A 98 3.50 -10.66 -13.96
N ARG A 99 3.18 -10.04 -15.08
CA ARG A 99 4.00 -10.12 -16.29
C ARG A 99 5.26 -9.24 -16.27
N LEU A 100 5.38 -8.35 -15.29
CA LEU A 100 6.52 -7.41 -15.25
C LEU A 100 7.86 -8.16 -15.17
N PRO A 101 8.71 -8.05 -16.22
CA PRO A 101 9.98 -8.75 -16.17
C PRO A 101 10.90 -8.21 -15.09
N LEU A 102 11.66 -9.10 -14.44
CA LEU A 102 12.56 -8.67 -13.38
C LEU A 102 13.61 -7.69 -13.90
N GLU A 103 14.05 -7.90 -15.14
CA GLU A 103 15.03 -7.04 -15.79
CA GLU A 103 15.05 -7.02 -15.72
C GLU A 103 14.52 -5.60 -15.92
N VAL A 104 13.22 -5.44 -16.13
CA VAL A 104 12.60 -4.11 -16.18
C VAL A 104 12.54 -3.52 -14.78
N GLU A 105 12.05 -4.31 -13.82
CA GLU A 105 11.91 -3.85 -12.43
C GLU A 105 13.24 -3.39 -11.84
N LYS A 106 14.32 -4.07 -12.21
CA LYS A 106 15.63 -3.79 -11.63
C LYS A 106 16.17 -2.41 -11.98
N GLN A 107 15.64 -1.78 -13.02
CA GLN A 107 16.09 -0.44 -13.42
C GLN A 107 15.17 0.68 -12.93
N ILE A 108 14.12 0.34 -12.18
CA ILE A 108 13.15 1.36 -11.76
C ILE A 108 13.77 2.33 -10.75
N GLU A 109 13.64 3.62 -11.02
CA GLU A 109 14.14 4.69 -10.15
C GLU A 109 13.03 5.56 -9.57
N ASP A 110 11.82 5.46 -10.14
CA ASP A 110 10.73 6.35 -9.78
C ASP A 110 10.30 6.11 -8.33
N PRO A 111 10.35 7.18 -7.50
CA PRO A 111 9.98 7.01 -6.09
C PRO A 111 8.59 6.42 -5.84
N LEU A 112 7.58 6.84 -6.62
CA LEU A 112 6.22 6.32 -6.39
C LEU A 112 6.13 4.84 -6.75
N ALA A 113 6.67 4.47 -7.92
CA ALA A 113 6.70 3.05 -8.33
C ALA A 113 7.40 2.21 -7.27
N ILE A 114 8.52 2.72 -6.75
CA ILE A 114 9.28 2.01 -5.74
C ILE A 114 8.45 1.81 -4.46
N LEU A 115 7.78 2.85 -3.99
CA LEU A 115 7.03 2.73 -2.73
C LEU A 115 5.84 1.78 -2.86
N ILE A 116 5.22 1.74 -4.05
CA ILE A 116 4.10 0.85 -4.32
C ILE A 116 4.59 -0.62 -4.35
N LEU A 117 5.67 -0.88 -5.08
CA LEU A 117 6.28 -2.22 -5.09
C LEU A 117 6.77 -2.63 -3.70
N PHE A 118 7.37 -1.69 -2.99
CA PHE A 118 7.84 -1.94 -1.63
C PHE A 118 6.70 -2.35 -0.69
N ASP A 119 5.61 -1.58 -0.69
CA ASP A 119 4.46 -1.87 0.16
CA ASP A 119 4.48 -1.88 0.18
C ASP A 119 3.92 -3.28 -0.11
N GLU A 120 3.81 -3.62 -1.39
CA GLU A 120 3.32 -4.94 -1.77
C GLU A 120 4.29 -6.05 -1.35
N ALA A 121 5.58 -5.82 -1.51
CA ALA A 121 6.58 -6.81 -1.10
C ALA A 121 6.55 -7.01 0.41
N ARG A 122 6.48 -5.92 1.17
CA ARG A 122 6.38 -6.03 2.63
CA ARG A 122 6.40 -6.05 2.64
C ARG A 122 5.17 -6.85 3.03
N TYR A 123 4.05 -6.64 2.33
CA TYR A 123 2.80 -7.34 2.63
C TYR A 123 3.00 -8.84 2.47
N ASN A 124 3.60 -9.24 1.35
CA ASN A 124 3.90 -10.64 1.09
C ASN A 124 4.87 -11.23 2.11
N LEU A 125 5.90 -10.47 2.47
CA LEU A 125 6.86 -10.92 3.46
C LEU A 125 6.19 -11.23 4.79
N LEU A 126 5.41 -10.29 5.31
CA LEU A 126 4.80 -10.45 6.63
C LEU A 126 3.75 -11.57 6.65
N LYS A 127 3.10 -11.80 5.51
CA LYS A 127 2.09 -12.87 5.40
C LYS A 127 2.69 -14.27 5.24
N GLY A 128 3.99 -14.36 4.99
CA GLY A 128 4.68 -15.66 4.94
C GLY A 128 4.88 -16.23 3.53
N PHE A 129 4.53 -15.45 2.51
CA PHE A 129 4.62 -15.92 1.12
C PHE A 129 6.03 -15.86 0.54
N TYR A 130 6.99 -15.28 1.27
CA TYR A 130 8.40 -15.29 0.87
C TYR A 130 9.22 -16.23 1.74
N THR A 131 9.62 -17.36 1.17
CA THR A 131 10.54 -18.27 1.85
C THR A 131 11.96 -17.83 1.58
N ALA A 132 12.77 -17.73 2.64
CA ALA A 132 14.18 -17.38 2.51
C ALA A 132 14.93 -17.80 3.77
N PRO A 133 16.27 -17.92 3.67
CA PRO A 133 17.05 -18.28 4.86
C PRO A 133 16.97 -17.23 5.96
N ASP A 134 17.25 -17.64 7.19
CA ASP A 134 17.19 -16.74 8.34
C ASP A 134 17.93 -15.41 8.09
N ALA A 135 19.13 -15.50 7.54
CA ALA A 135 19.97 -14.33 7.29
C ALA A 135 19.28 -13.28 6.41
N LYS A 136 18.63 -13.74 5.34
CA LYS A 136 17.91 -12.84 4.44
C LYS A 136 16.73 -12.17 5.16
N LEU A 137 15.99 -12.95 5.94
CA LEU A 137 14.84 -12.41 6.66
C LEU A 137 15.30 -11.39 7.70
N ILE A 138 16.45 -11.65 8.33
CA ILE A 138 17.02 -10.72 9.30
C ILE A 138 17.42 -9.40 8.63
N THR A 139 18.06 -9.48 7.47
CA THR A 139 18.40 -8.30 6.69
C THR A 139 17.16 -7.50 6.30
N LEU A 140 16.12 -8.19 5.84
CA LEU A 140 14.87 -7.53 5.49
C LEU A 140 14.25 -6.83 6.69
N ALA A 141 14.29 -7.51 7.85
CA ALA A 141 13.76 -6.93 9.09
C ALA A 141 14.52 -5.66 9.46
N SER A 142 15.84 -5.69 9.34
CA SER A 142 16.66 -4.53 9.67
C SER A 142 16.33 -3.32 8.80
N LEU A 143 16.11 -3.57 7.50
CA LEU A 143 15.70 -2.52 6.58
C LEU A 143 14.33 -1.95 6.93
N LEU A 144 13.40 -2.81 7.36
CA LEU A 144 12.09 -2.33 7.78
C LEU A 144 12.19 -1.44 9.03
N LEU A 145 13.08 -1.77 9.96
CA LEU A 145 13.29 -0.90 11.12
C LEU A 145 13.80 0.48 10.69
N GLN A 146 14.79 0.53 9.81
CA GLN A 146 15.30 1.81 9.32
C GLN A 146 14.20 2.61 8.61
N ILE A 147 13.43 1.94 7.75
CA ILE A 147 12.38 2.59 6.98
C ILE A 147 11.26 3.12 7.88
N VAL A 148 10.81 2.29 8.81
CA VAL A 148 9.68 2.65 9.67
C VAL A 148 10.07 3.55 10.84
N TYR A 149 11.20 3.26 11.48
CA TYR A 149 11.58 3.95 12.73
C TYR A 149 12.67 5.01 12.57
N GLY A 150 13.32 5.06 11.41
CA GLY A 150 14.43 5.98 11.19
C GLY A 150 15.72 5.43 11.77
N ASN A 151 16.67 6.33 12.06
CA ASN A 151 17.99 5.92 12.54
C ASN A 151 17.93 5.20 13.88
N TYR A 152 18.73 4.15 14.01
CA TYR A 152 18.96 3.48 15.27
C TYR A 152 19.51 4.50 16.27
N GLU A 153 18.94 4.53 17.47
CA GLU A 153 19.47 5.27 18.59
C GLU A 153 19.58 4.30 19.76
N SER A 154 20.76 4.20 20.34
CA SER A 154 21.00 3.28 21.45
C SER A 154 19.97 3.46 22.56
N LYS A 155 19.68 4.71 22.89
CA LYS A 155 18.74 5.08 23.96
C LYS A 155 17.35 4.48 23.75
N LYS A 156 16.93 4.39 22.49
CA LYS A 156 15.58 3.96 22.13
C LYS A 156 15.48 2.46 21.80
N HIS A 157 16.56 1.89 21.26
CA HIS A 157 16.48 0.60 20.56
C HIS A 157 17.27 -0.54 21.13
N LYS A 158 18.30 -0.26 21.92
CA LYS A 158 19.23 -1.29 22.37
C LYS A 158 18.56 -2.38 23.23
N GLN A 159 17.61 -1.99 24.07
CA GLN A 159 16.97 -2.93 24.99
C GLN A 159 15.48 -2.61 25.17
N GLY A 160 14.67 -3.65 25.25
CA GLY A 160 13.22 -3.52 25.48
C GLY A 160 12.45 -2.87 24.35
N PHE A 161 12.98 -2.96 23.13
CA PHE A 161 12.35 -2.36 21.95
C PHE A 161 11.71 -3.45 21.09
N LEU A 162 12.48 -4.45 20.70
CA LEU A 162 11.99 -5.52 19.82
C LEU A 162 11.17 -6.58 20.57
N ASN A 163 9.97 -6.19 20.99
CA ASN A 163 9.01 -7.08 21.64
C ASN A 163 8.21 -7.87 20.59
N GLU A 164 7.28 -8.71 21.03
CA GLU A 164 6.52 -9.55 20.10
C GLU A 164 5.55 -8.76 19.22
N GLU A 165 5.07 -7.62 19.73
CA GLU A 165 4.22 -6.72 18.94
C GLU A 165 5.04 -6.09 17.80
N ASN A 166 6.20 -5.53 18.15
CA ASN A 166 7.13 -4.92 17.18
C ASN A 166 7.63 -5.90 16.11
N LEU A 167 8.01 -7.10 16.54
CA LEU A 167 8.51 -8.13 15.62
C LEU A 167 7.49 -8.48 14.53
N LYS A 168 6.20 -8.46 14.89
CA LYS A 168 5.11 -8.74 13.96
C LYS A 168 5.13 -7.86 12.70
N SER A 169 5.68 -6.65 12.82
CA SER A 169 5.74 -5.73 11.70
C SER A 169 7.00 -5.87 10.83
N ILE A 170 7.94 -6.72 11.22
CA ILE A 170 9.21 -6.84 10.47
C ILE A 170 9.66 -8.26 10.09
N VAL A 171 8.96 -9.29 10.57
CA VAL A 171 9.29 -10.68 10.18
C VAL A 171 8.03 -11.42 9.75
N PRO A 172 8.19 -12.51 8.98
CA PRO A 172 6.99 -13.26 8.57
C PRO A 172 6.23 -13.84 9.76
N VAL A 173 4.91 -13.82 9.68
CA VAL A 173 4.04 -14.35 10.73
C VAL A 173 4.37 -15.82 11.07
N THR A 174 4.83 -16.56 10.07
CA THR A 174 5.23 -17.95 10.22
C THR A 174 6.49 -18.18 11.06
N LYS A 175 7.25 -17.11 11.29
CA LYS A 175 8.50 -17.18 12.03
C LYS A 175 8.41 -16.58 13.43
N LEU A 176 7.29 -15.93 13.73
CA LEU A 176 7.13 -15.16 14.97
C LEU A 176 7.29 -15.96 16.25
N LYS A 177 6.78 -17.19 16.26
CA LYS A 177 6.72 -17.96 17.49
C LYS A 177 8.01 -18.70 17.82
N SER A 178 8.62 -19.32 16.82
CA SER A 178 9.73 -20.25 17.07
C SER A 178 11.12 -19.78 16.60
N LYS A 179 11.19 -18.84 15.66
CA LYS A 179 12.48 -18.39 15.13
C LYS A 179 12.82 -16.96 15.52
N ALA A 180 11.89 -16.04 15.29
CA ALA A 180 12.11 -14.61 15.43
C ALA A 180 12.62 -14.15 16.80
N PRO A 181 12.08 -14.72 17.90
CA PRO A 181 12.55 -14.31 19.23
C PRO A 181 14.05 -14.51 19.44
N HIS A 182 14.66 -15.40 18.66
CA HIS A 182 16.09 -15.67 18.73
C HIS A 182 16.92 -14.84 17.79
N TRP A 183 16.26 -13.97 17.02
CA TRP A 183 16.95 -13.13 16.03
C TRP A 183 17.17 -11.70 16.47
N THR A 184 16.65 -11.31 17.64
CA THR A 184 16.58 -9.88 17.98
C THR A 184 17.93 -9.18 17.98
N ASN A 185 18.96 -9.81 18.56
CA ASN A 185 20.28 -9.21 18.59
C ASN A 185 20.89 -9.09 17.20
N ARG A 186 20.66 -10.11 16.36
CA ARG A 186 21.14 -10.07 14.98
C ARG A 186 20.43 -8.98 14.15
N ILE A 187 19.13 -8.83 14.35
CA ILE A 187 18.37 -7.77 13.69
C ILE A 187 18.83 -6.38 14.14
N LEU A 188 18.98 -6.21 15.46
CA LEU A 188 19.42 -4.93 16.02
C LEU A 188 20.83 -4.56 15.55
N HIS A 189 21.70 -5.55 15.42
CA HIS A 189 23.06 -5.33 14.90
C HIS A 189 23.06 -4.79 13.50
N GLU A 190 22.29 -5.43 12.62
CA GLU A 190 22.21 -4.96 11.23
C GLU A 190 21.51 -3.61 11.13
N TYR A 191 20.52 -3.37 11.97
CA TYR A 191 19.81 -2.10 12.01
C TYR A 191 20.78 -0.97 12.38
N LYS A 192 21.52 -1.18 13.46
CA LYS A 192 22.54 -0.20 13.89
C LYS A 192 23.56 0.06 12.77
N ASN A 193 24.01 -1.01 12.13
CA ASN A 193 24.99 -0.91 11.04
C ASN A 193 24.47 -0.10 9.84
N LEU A 194 23.20 -0.28 9.49
CA LEU A 194 22.56 0.53 8.45
C LEU A 194 22.66 2.01 8.78
N SER A 195 22.20 2.36 9.97
CA SER A 195 22.06 3.74 10.41
C SER A 195 23.40 4.48 10.47
N THR A 196 24.44 3.78 10.94
CA THR A 196 25.76 4.39 11.16
C THR A 196 26.68 4.30 9.94
N SER A 197 26.22 3.64 8.87
CA SER A 197 27.01 3.50 7.65
C SER A 197 26.66 4.63 6.68
N GLU A 198 27.58 5.58 6.52
CA GLU A 198 27.36 6.73 5.64
C GLU A 198 27.31 6.36 4.15
N GLY A 199 27.84 5.18 3.81
CA GLY A 199 27.69 4.62 2.46
C GLY A 199 26.27 4.18 2.13
N VAL A 200 25.47 3.92 3.17
CA VAL A 200 24.06 3.55 2.99
C VAL A 200 23.20 4.81 2.97
N SER A 201 22.62 5.12 1.80
CA SER A 201 21.73 6.26 1.67
C SER A 201 20.47 6.05 2.52
N LYS A 202 20.11 7.08 3.28
CA LYS A 202 18.92 7.05 4.12
C LYS A 202 17.70 7.70 3.46
N GLU A 203 17.84 8.07 2.19
CA GLU A 203 16.70 8.52 1.39
C GLU A 203 15.66 7.40 1.35
N MET A 204 14.40 7.74 1.59
CA MET A 204 13.35 6.73 1.72
C MET A 204 13.29 5.79 0.52
N HIS A 205 13.28 6.33 -0.69
CA HIS A 205 13.15 5.49 -1.89
C HIS A 205 14.38 4.65 -2.14
N HIS A 206 15.54 5.10 -1.67
CA HIS A 206 16.75 4.29 -1.73
C HIS A 206 16.67 3.10 -0.79
N LEU A 207 16.22 3.32 0.43
CA LEU A 207 16.04 2.22 1.40
C LEU A 207 14.98 1.22 0.92
N GLN A 208 13.88 1.74 0.40
CA GLN A 208 12.82 0.87 -0.12
C GLN A 208 13.34 0.02 -1.28
N ARG A 209 14.17 0.60 -2.13
CA ARG A 209 14.74 -0.15 -3.25
C ARG A 209 15.72 -1.22 -2.75
N MET A 210 16.47 -0.93 -1.69
CA MET A 210 17.34 -1.92 -1.08
C MET A 210 16.53 -3.10 -0.57
N PHE A 211 15.39 -2.81 0.03
CA PHE A 211 14.46 -3.85 0.47
C PHE A 211 14.04 -4.71 -0.73
N LEU A 212 13.63 -4.06 -1.83
CA LEU A 212 13.23 -4.79 -3.04
C LEU A 212 14.37 -5.63 -3.61
N GLN A 213 15.57 -5.07 -3.63
CA GLN A 213 16.75 -5.78 -4.12
C GLN A 213 16.96 -7.09 -3.36
N ASN A 214 16.67 -7.07 -2.07
CA ASN A 214 16.76 -8.28 -1.25
C ASN A 214 15.60 -9.26 -1.47
N CYS A 215 14.49 -8.78 -2.02
CA CYS A 215 13.34 -9.64 -2.33
C CYS A 215 13.43 -10.27 -3.72
N TRP A 216 14.17 -9.65 -4.64
CA TRP A 216 14.14 -10.08 -6.04
C TRP A 216 14.62 -11.48 -6.27
N GLU A 217 15.53 -11.98 -5.43
CA GLU A 217 16.04 -13.35 -5.60
C GLU A 217 15.20 -14.39 -4.85
N ILE A 218 14.21 -13.95 -4.09
CA ILE A 218 13.30 -14.88 -3.42
C ILE A 218 12.48 -15.61 -4.49
N PRO A 219 12.38 -16.95 -4.39
CA PRO A 219 11.77 -17.72 -5.47
C PRO A 219 10.36 -17.26 -5.88
N THR A 220 9.54 -16.91 -4.89
CA THR A 220 8.13 -16.55 -5.12
C THR A 220 7.91 -15.05 -5.36
N TYR A 221 8.98 -14.26 -5.47
CA TYR A 221 8.80 -12.82 -5.69
C TYR A 221 7.92 -12.54 -6.90
N GLY A 222 6.92 -11.68 -6.71
CA GLY A 222 6.04 -11.24 -7.77
C GLY A 222 5.03 -12.28 -8.24
N ALA A 223 4.85 -13.33 -7.45
CA ALA A 223 3.96 -14.42 -7.83
C ALA A 223 2.48 -14.04 -7.72
N ALA A 224 1.70 -14.52 -8.70
CA ALA A 224 0.26 -14.64 -8.55
C ALA A 224 0.03 -15.96 -7.85
N PHE A 225 -0.85 -15.99 -6.86
CA PHE A 225 -1.14 -17.23 -6.14
C PHE A 225 -2.53 -17.74 -6.46
N PHE A 226 -2.59 -19.06 -6.63
CA PHE A 226 -3.84 -19.78 -6.86
C PHE A 226 -3.94 -20.82 -5.77
N THR A 227 -5.13 -21.34 -5.54
CA THR A 227 -5.33 -22.34 -4.51
C THR A 227 -5.62 -23.70 -5.16
N GLY A 228 -5.15 -24.75 -4.50
CA GLY A 228 -5.38 -26.12 -4.97
C GLY A 228 -5.05 -27.15 -3.92
N GLN A 229 -5.00 -28.41 -4.35
CA GLN A 229 -4.67 -29.53 -3.48
C GLN A 229 -3.76 -30.51 -4.20
N ILE A 230 -2.85 -31.14 -3.46
CA ILE A 230 -2.14 -32.30 -3.95
C ILE A 230 -2.40 -33.48 -3.02
N PHE A 231 -2.24 -34.69 -3.55
CA PHE A 231 -2.36 -35.90 -2.76
C PHE A 231 -0.98 -36.48 -2.54
N THR A 232 -0.65 -36.76 -1.28
CA THR A 232 0.67 -37.30 -0.92
C THR A 232 0.96 -38.60 -1.66
N LYS A 233 2.17 -38.72 -2.19
CA LYS A 233 2.61 -39.92 -2.93
C LYS A 233 3.02 -41.02 -1.95
N ASN A 238 -4.75 -42.97 2.10
CA ASN A 238 -3.34 -42.77 2.36
C ASN A 238 -2.69 -41.79 1.38
N HIS A 239 -3.45 -41.39 0.37
CA HIS A 239 -3.09 -40.23 -0.44
C HIS A 239 -3.69 -39.07 0.30
N LYS A 240 -3.02 -38.68 1.39
CA LYS A 240 -3.51 -37.62 2.26
C LYS A 240 -3.51 -36.30 1.50
N VAL A 241 -4.57 -35.51 1.67
CA VAL A 241 -4.71 -34.25 0.95
C VAL A 241 -3.84 -33.18 1.61
N ILE A 242 -3.13 -32.42 0.78
CA ILE A 242 -2.39 -31.25 1.24
C ILE A 242 -2.87 -30.04 0.44
N PRO A 243 -3.64 -29.14 1.08
CA PRO A 243 -4.00 -27.89 0.41
C PRO A 243 -2.75 -27.06 0.15
N VAL A 244 -2.67 -26.44 -1.02
CA VAL A 244 -1.48 -25.72 -1.42
C VAL A 244 -1.81 -24.38 -2.05
N TYR A 245 -0.86 -23.46 -1.98
CA TYR A 245 -0.86 -22.30 -2.85
C TYR A 245 0.02 -22.63 -4.04
N VAL A 246 -0.48 -22.33 -5.24
CA VAL A 246 0.29 -22.44 -6.46
C VAL A 246 0.74 -21.03 -6.85
N GLY A 247 2.03 -20.78 -6.73
CA GLY A 247 2.62 -19.49 -7.09
C GLY A 247 3.18 -19.54 -8.50
N VAL A 248 2.77 -18.59 -9.34
CA VAL A 248 3.29 -18.49 -10.70
C VAL A 248 3.83 -17.08 -10.89
N ASN A 249 5.11 -16.99 -11.29
CA ASN A 249 5.75 -15.70 -11.51
C ASN A 249 6.67 -15.77 -12.72
N ILE A 250 7.41 -14.70 -12.97
CA ILE A 250 8.29 -14.65 -14.14
C ILE A 250 9.49 -15.61 -14.06
N LYS A 251 9.71 -16.23 -12.90
CA LYS A 251 10.77 -17.23 -12.72
C LYS A 251 10.32 -18.67 -12.95
N GLY A 252 9.07 -18.98 -12.64
CA GLY A 252 8.56 -20.34 -12.75
C GLY A 252 7.37 -20.65 -11.86
N LEU A 253 7.33 -21.88 -11.35
CA LEU A 253 6.21 -22.42 -10.57
C LEU A 253 6.67 -22.80 -9.18
N HIS A 254 5.83 -22.51 -8.18
CA HIS A 254 6.19 -22.65 -6.78
C HIS A 254 5.00 -23.13 -6.00
N LEU A 255 5.16 -24.21 -5.25
CA LEU A 255 4.08 -24.73 -4.40
C LEU A 255 4.39 -24.46 -2.94
N LEU A 256 3.44 -23.85 -2.25
CA LEU A 256 3.52 -23.65 -0.81
C LEU A 256 2.46 -24.48 -0.12
N ASN A 257 2.82 -25.07 1.02
CA ASN A 257 1.84 -25.63 1.92
C ASN A 257 0.93 -24.49 2.38
N MET A 258 -0.38 -24.62 2.20
CA MET A 258 -1.30 -23.53 2.53
C MET A 258 -1.29 -23.16 4.00
N GLU A 259 -1.24 -24.17 4.87
CA GLU A 259 -1.27 -23.94 6.32
C GLU A 259 0.03 -23.33 6.83
N THR A 260 1.17 -23.92 6.45
CA THR A 260 2.47 -23.53 6.99
C THR A 260 3.25 -22.52 6.12
N LYS A 261 2.80 -22.33 4.88
CA LYS A 261 3.54 -21.57 3.86
C LYS A 261 4.93 -22.16 3.53
N ALA A 262 5.18 -23.40 3.93
CA ALA A 262 6.44 -24.07 3.62
C ALA A 262 6.56 -24.26 2.11
N LEU A 263 7.75 -24.01 1.57
CA LEU A 263 8.02 -24.18 0.15
C LEU A 263 8.20 -25.67 -0.15
N LEU A 264 7.25 -26.25 -0.87
CA LEU A 264 7.26 -27.68 -1.17
C LEU A 264 8.11 -27.99 -2.40
N ILE A 265 8.00 -27.14 -3.42
CA ILE A 265 8.85 -27.27 -4.60
C ILE A 265 8.90 -25.94 -5.37
N SER A 266 10.04 -25.70 -6.01
CA SER A 266 10.25 -24.49 -6.78
C SER A 266 10.97 -24.87 -8.06
N LEU A 267 10.35 -24.53 -9.20
CA LEU A 267 10.80 -24.98 -10.52
C LEU A 267 10.94 -23.80 -11.46
N LYS A 268 12.13 -23.64 -12.04
CA LYS A 268 12.38 -22.54 -12.97
C LYS A 268 11.98 -22.92 -14.39
N TYR A 269 11.51 -21.95 -15.16
CA TYR A 269 11.10 -22.20 -16.55
C TYR A 269 12.27 -22.81 -17.32
N GLY A 270 11.96 -23.76 -18.18
CA GLY A 270 12.98 -24.52 -18.90
C GLY A 270 13.38 -25.82 -18.21
N CYS A 271 12.99 -25.99 -16.94
CA CYS A 271 13.32 -27.20 -16.16
C CYS A 271 12.09 -28.06 -15.83
N PHE A 272 10.92 -27.66 -16.33
CA PHE A 272 9.70 -28.44 -16.12
C PHE A 272 8.71 -28.24 -17.26
N MET A 273 7.77 -29.17 -17.36
CA MET A 273 6.69 -29.10 -18.35
C MET A 273 5.36 -29.20 -17.61
N TRP A 274 4.29 -28.75 -18.26
CA TRP A 274 2.95 -28.84 -17.70
C TRP A 274 1.98 -29.37 -18.70
N GLN A 275 0.88 -29.95 -18.20
CA GLN A 275 -0.22 -30.41 -19.03
C GLN A 275 -1.52 -30.15 -18.28
N LEU A 276 -2.43 -29.41 -18.90
CA LEU A 276 -3.77 -29.23 -18.34
C LEU A 276 -4.47 -30.57 -18.38
N GLY A 277 -5.02 -31.00 -17.24
CA GLY A 277 -5.74 -32.26 -17.18
C GLY A 277 -6.95 -32.23 -18.11
N ASP A 278 -7.23 -33.34 -18.78
CA ASP A 278 -8.38 -33.42 -19.69
C ASP A 278 -9.72 -33.23 -18.96
N THR A 279 -9.71 -33.44 -17.65
CA THR A 279 -10.86 -33.14 -16.79
C THR A 279 -11.04 -31.63 -16.55
N ASP A 280 -9.96 -30.87 -16.71
CA ASP A 280 -9.90 -29.42 -16.41
C ASP A 280 -10.06 -29.06 -14.93
N THR A 281 -9.95 -30.06 -14.06
CA THR A 281 -9.99 -29.86 -12.61
C THR A 281 -8.59 -29.95 -12.02
N CYS A 282 -7.59 -30.09 -12.89
CA CYS A 282 -6.20 -30.24 -12.45
C CYS A 282 -5.21 -29.97 -13.57
N PHE A 283 -3.93 -29.90 -13.19
CA PHE A 283 -2.82 -29.88 -14.15
C PHE A 283 -1.69 -30.75 -13.63
N GLN A 284 -0.91 -31.31 -14.56
CA GLN A 284 0.22 -32.15 -14.20
C GLN A 284 1.53 -31.43 -14.50
N ILE A 285 2.50 -31.61 -13.62
CA ILE A 285 3.84 -31.05 -13.78
C ILE A 285 4.86 -32.18 -13.89
N HIS A 286 5.77 -32.05 -14.85
CA HIS A 286 6.87 -32.99 -15.03
C HIS A 286 8.17 -32.27 -14.83
N SER A 287 8.90 -32.65 -13.77
CA SER A 287 10.17 -32.02 -13.40
C SER A 287 11.34 -32.77 -14.04
N MET A 288 12.34 -32.02 -14.50
CA MET A 288 13.44 -32.57 -15.31
C MET A 288 14.72 -32.82 -14.51
N GLU A 289 15.63 -33.58 -15.11
CA GLU A 289 16.75 -34.22 -14.39
C GLU A 289 16.26 -34.72 -13.03
N ASN A 290 15.20 -35.51 -13.08
CA ASN A 290 14.51 -35.96 -11.87
C ASN A 290 13.58 -37.15 -12.11
N LYS A 291 12.93 -37.19 -13.28
CA LYS A 291 11.90 -38.18 -13.58
C LYS A 291 10.79 -38.16 -12.53
N MET A 292 10.55 -36.98 -11.95
CA MET A 292 9.54 -36.82 -10.92
C MET A 292 8.38 -35.96 -11.42
N SER A 293 7.19 -36.34 -11.00
CA SER A 293 5.96 -35.78 -11.52
C SER A 293 4.98 -35.57 -10.38
N PHE A 294 4.03 -34.65 -10.56
CA PHE A 294 2.94 -34.48 -9.62
C PHE A 294 1.75 -33.79 -10.27
N ILE A 295 0.57 -33.97 -9.66
CA ILE A 295 -0.65 -33.38 -10.16
C ILE A 295 -1.22 -32.44 -9.10
N VAL A 296 -1.56 -31.22 -9.52
CA VAL A 296 -2.20 -30.26 -8.64
C VAL A 296 -3.67 -30.14 -9.04
N HIS A 297 -4.56 -30.39 -8.09
CA HIS A 297 -6.00 -30.31 -8.31
C HIS A 297 -6.50 -28.95 -7.96
N THR A 298 -7.16 -28.31 -8.92
CA THR A 298 -7.70 -26.97 -8.73
C THR A 298 -8.57 -26.55 -9.91
N LYS A 299 -9.69 -25.90 -9.61
CA LYS A 299 -10.56 -25.37 -10.66
C LYS A 299 -9.98 -24.09 -11.27
N GLN A 300 -8.83 -23.64 -10.76
CA GLN A 300 -8.04 -22.57 -11.37
C GLN A 300 -6.97 -23.14 -12.33
N ALA A 301 -6.99 -24.46 -12.56
CA ALA A 301 -6.01 -25.10 -13.42
C ALA A 301 -5.83 -24.41 -14.77
N GLY A 302 -6.93 -24.02 -15.38
CA GLY A 302 -6.90 -23.34 -16.68
C GLY A 302 -6.16 -22.02 -16.61
N LEU A 303 -6.42 -21.26 -15.56
CA LEU A 303 -5.75 -19.97 -15.34
C LEU A 303 -4.26 -20.16 -15.11
N VAL A 304 -3.90 -21.17 -14.33
CA VAL A 304 -2.51 -21.48 -14.02
C VAL A 304 -1.73 -21.81 -15.28
N VAL A 305 -2.25 -22.72 -16.08
CA VAL A 305 -1.58 -23.14 -17.31
C VAL A 305 -1.46 -21.99 -18.32
N LYS A 306 -2.49 -21.18 -18.47
CA LYS A 306 -2.41 -20.02 -19.36
C LYS A 306 -1.32 -19.03 -18.90
N LEU A 307 -1.21 -18.82 -17.60
CA LEU A 307 -0.17 -17.92 -17.08
C LEU A 307 1.23 -18.51 -17.28
N LEU A 308 1.39 -19.81 -16.99
CA LEU A 308 2.67 -20.50 -17.23
C LEU A 308 3.11 -20.31 -18.68
N MET A 309 2.20 -20.56 -19.61
CA MET A 309 2.48 -20.38 -21.03
C MET A 309 2.95 -18.97 -21.35
N LYS A 310 2.26 -17.99 -20.79
CA LYS A 310 2.58 -16.59 -21.07
C LYS A 310 3.94 -16.21 -20.51
N LEU A 311 4.18 -16.54 -19.24
CA LEU A 311 5.42 -16.13 -18.59
C LEU A 311 6.64 -16.91 -19.10
N ASN A 312 6.46 -18.20 -19.38
CA ASN A 312 7.51 -18.97 -20.06
C ASN A 312 7.82 -18.38 -21.45
N GLY A 313 6.76 -18.00 -22.16
CA GLY A 313 6.90 -17.41 -23.49
C GLY A 313 7.65 -16.09 -23.52
N GLN A 314 7.60 -15.36 -22.41
CA GLN A 314 8.30 -14.07 -22.26
C GLN A 314 9.80 -14.21 -22.15
N LEU A 315 10.26 -15.38 -21.69
CA LEU A 315 11.65 -15.56 -21.30
C LEU A 315 12.54 -15.75 -22.53
N MET A 316 13.61 -14.96 -22.59
CA MET A 316 14.65 -15.12 -23.60
C MET A 316 15.80 -15.94 -23.03
N MET B 1 -0.12 0.27 19.27
CA MET B 1 -0.12 1.46 18.37
C MET B 1 -1.53 1.98 18.14
N ARG B 2 -1.78 3.19 18.62
CA ARG B 2 -3.08 3.84 18.49
C ARG B 2 -3.25 4.36 17.07
N GLU B 3 -4.50 4.32 16.57
CA GLU B 3 -4.82 4.84 15.26
C GLU B 3 -5.45 6.23 15.37
N TYR B 4 -5.11 7.11 14.44
CA TYR B 4 -5.61 8.48 14.43
C TYR B 4 -6.24 8.80 13.10
N LYS B 5 -7.53 9.14 13.13
CA LYS B 5 -8.27 9.47 11.91
C LYS B 5 -8.19 10.98 11.70
N LEU B 6 -7.39 11.37 10.71
CA LEU B 6 -7.21 12.78 10.36
C LEU B 6 -7.88 13.07 9.02
N VAL B 7 -8.40 14.29 8.89
CA VAL B 7 -9.10 14.71 7.68
C VAL B 7 -8.52 16.05 7.21
N VAL B 8 -8.17 16.12 5.93
CA VAL B 8 -7.66 17.35 5.33
C VAL B 8 -8.76 17.97 4.48
N LEU B 9 -9.18 19.18 4.87
CA LEU B 9 -10.31 19.89 4.27
C LEU B 9 -9.89 21.24 3.72
N GLY B 10 -10.68 21.77 2.79
CA GLY B 10 -10.38 23.05 2.16
C GLY B 10 -10.82 23.06 0.72
N SER B 11 -10.80 24.24 0.11
CA SER B 11 -11.30 24.42 -1.24
C SER B 11 -10.33 23.88 -2.28
N GLY B 12 -10.78 23.87 -3.54
CA GLY B 12 -9.98 23.36 -4.64
C GLY B 12 -8.66 24.07 -4.83
N GLY B 13 -7.63 23.28 -5.11
CA GLY B 13 -6.32 23.78 -5.52
C GLY B 13 -5.41 24.34 -4.43
N VAL B 14 -5.82 24.26 -3.16
CA VAL B 14 -5.03 24.85 -2.07
C VAL B 14 -3.78 24.06 -1.69
N GLY B 15 -3.71 22.80 -2.09
CA GLY B 15 -2.57 21.93 -1.79
C GLY B 15 -2.82 20.86 -0.74
N LYS B 16 -4.07 20.44 -0.58
CA LYS B 16 -4.39 19.37 0.37
C LYS B 16 -3.66 18.09 0.00
N SER B 17 -3.79 17.67 -1.26
CA SER B 17 -3.09 16.46 -1.72
C SER B 17 -1.58 16.63 -1.68
N ALA B 18 -1.08 17.78 -2.10
CA ALA B 18 0.37 18.01 -2.10
C ALA B 18 0.97 17.93 -0.69
N LEU B 19 0.27 18.48 0.30
CA LEU B 19 0.71 18.37 1.68
C LEU B 19 0.68 16.92 2.15
N THR B 20 -0.40 16.23 1.85
CA THR B 20 -0.58 14.86 2.31
C THR B 20 0.44 13.93 1.67
N VAL B 21 0.66 14.09 0.36
CA VAL B 21 1.62 13.26 -0.36
C VAL B 21 3.07 13.55 0.07
N GLN B 22 3.38 14.82 0.31
CA GLN B 22 4.71 15.16 0.82
C GLN B 22 4.94 14.50 2.18
N PHE B 23 3.95 14.60 3.07
CA PHE B 23 4.04 14.00 4.40
C PHE B 23 4.19 12.49 4.34
N VAL B 24 3.31 11.83 3.60
CA VAL B 24 3.25 10.37 3.58
C VAL B 24 4.35 9.77 2.71
N GLN B 25 4.51 10.29 1.50
CA GLN B 25 5.36 9.65 0.49
C GLN B 25 6.68 10.39 0.21
N GLY B 26 6.82 11.61 0.69
CA GLY B 26 8.04 12.39 0.46
C GLY B 26 8.22 12.81 -0.98
N ILE B 27 7.10 13.02 -1.67
CA ILE B 27 7.08 13.37 -3.09
C ILE B 27 6.31 14.68 -3.22
N PHE B 28 6.79 15.61 -4.06
CA PHE B 28 6.02 16.81 -4.35
C PHE B 28 5.17 16.62 -5.60
N VAL B 29 3.85 16.71 -5.43
CA VAL B 29 2.91 16.58 -6.54
C VAL B 29 2.84 17.91 -7.29
N GLU B 30 3.33 17.90 -8.53
CA GLU B 30 3.41 19.10 -9.35
C GLU B 30 2.16 19.29 -10.20
N LYS B 31 1.71 18.20 -10.84
CA LYS B 31 0.52 18.23 -11.69
C LYS B 31 -0.74 18.33 -10.85
N TYR B 32 -1.68 19.18 -11.28
CA TYR B 32 -2.97 19.28 -10.60
C TYR B 32 -3.96 18.25 -11.14
N ASP B 33 -4.35 17.36 -10.22
CA ASP B 33 -5.31 16.31 -10.48
CA ASP B 33 -5.32 16.31 -10.48
C ASP B 33 -6.38 16.39 -9.38
N PRO B 34 -7.55 16.97 -9.68
CA PRO B 34 -8.57 17.13 -8.64
C PRO B 34 -8.94 15.82 -7.95
N THR B 35 -8.95 15.84 -6.62
CA THR B 35 -9.21 14.65 -5.84
C THR B 35 -10.70 14.35 -5.76
N ILE B 36 -11.05 13.07 -5.82
CA ILE B 36 -12.40 12.63 -5.51
C ILE B 36 -12.46 12.30 -4.03
N GLU B 37 -11.63 11.34 -3.60
CA GLU B 37 -11.47 10.97 -2.20
C GLU B 37 -10.32 9.96 -2.07
N ASP B 38 -9.24 10.35 -1.43
CA ASP B 38 -8.10 9.46 -1.23
C ASP B 38 -7.83 9.28 0.26
N SER B 39 -7.34 8.10 0.62
CA SER B 39 -6.97 7.81 2.00
C SER B 39 -5.54 7.29 2.03
N TYR B 40 -4.77 7.76 3.01
CA TYR B 40 -3.38 7.36 3.17
C TYR B 40 -3.17 6.81 4.58
N ARG B 41 -2.18 5.92 4.72
CA ARG B 41 -1.78 5.44 6.04
C ARG B 41 -0.28 5.68 6.24
N LYS B 42 0.09 6.09 7.45
CA LYS B 42 1.49 6.42 7.76
C LYS B 42 1.75 6.25 9.24
N GLN B 43 2.72 5.40 9.56
CA GLN B 43 3.19 5.25 10.94
C GLN B 43 4.22 6.32 11.24
N VAL B 44 4.05 7.03 12.35
CA VAL B 44 5.02 8.03 12.78
C VAL B 44 5.21 7.94 14.28
N GLU B 45 6.26 8.59 14.79
CA GLU B 45 6.48 8.69 16.23
C GLU B 45 6.14 10.10 16.69
N VAL B 46 5.23 10.21 17.65
CA VAL B 46 4.92 11.49 18.27
C VAL B 46 4.94 11.32 19.78
N ASP B 47 5.70 12.18 20.46
CA ASP B 47 5.77 12.16 21.92
C ASP B 47 6.07 10.75 22.43
N ALA B 48 7.08 10.12 21.84
CA ALA B 48 7.63 8.84 22.31
C ALA B 48 6.74 7.62 22.05
N GLN B 49 5.70 7.76 21.23
CA GLN B 49 4.85 6.63 20.90
C GLN B 49 4.61 6.52 19.41
N GLN B 50 4.51 5.28 18.94
CA GLN B 50 4.19 4.99 17.56
C GLN B 50 2.71 5.23 17.33
N CYS B 51 2.39 5.97 16.27
CA CYS B 51 1.02 6.30 15.93
C CYS B 51 0.76 5.94 14.48
N MET B 52 -0.39 5.32 14.22
CA MET B 52 -0.79 5.00 12.87
C MET B 52 -1.80 6.05 12.42
N LEU B 53 -1.40 6.87 11.47
CA LEU B 53 -2.24 7.95 10.97
C LEU B 53 -3.00 7.46 9.74
N GLU B 54 -4.33 7.59 9.78
CA GLU B 54 -5.14 7.39 8.59
C GLU B 54 -5.61 8.77 8.17
N ILE B 55 -5.13 9.21 7.00
CA ILE B 55 -5.34 10.59 6.55
C ILE B 55 -6.29 10.60 5.36
N LEU B 56 -7.46 11.21 5.55
CA LEU B 56 -8.42 11.37 4.47
C LEU B 56 -8.14 12.66 3.72
N ASP B 57 -7.82 12.53 2.44
CA ASP B 57 -7.55 13.66 1.58
C ASP B 57 -8.81 13.89 0.74
N THR B 58 -9.51 14.98 1.04
CA THR B 58 -10.87 15.18 0.50
C THR B 58 -10.91 16.05 -0.75
N ALA B 59 -12.05 16.05 -1.41
CA ALA B 59 -12.29 16.87 -2.59
C ALA B 59 -12.59 18.31 -2.18
N GLY B 60 -11.91 19.25 -2.81
CA GLY B 60 -12.16 20.68 -2.57
C GLY B 60 -13.18 21.25 -3.54
N THR B 61 -13.22 20.71 -4.75
CA THR B 61 -14.17 21.15 -5.77
C THR B 61 -15.61 20.75 -5.40
N GLU B 62 -15.72 19.69 -4.59
CA GLU B 62 -16.92 19.39 -3.79
C GLU B 62 -17.19 17.89 -3.73
N MET B 67 -21.16 13.49 1.53
CA MET B 67 -20.08 12.74 2.17
C MET B 67 -19.34 13.54 3.24
N ARG B 68 -19.59 14.86 3.29
CA ARG B 68 -18.87 15.75 4.20
C ARG B 68 -19.25 15.54 5.67
N ASP B 69 -20.54 15.46 5.96
CA ASP B 69 -20.98 15.22 7.33
C ASP B 69 -20.37 13.93 7.88
N LEU B 70 -20.27 12.91 7.03
CA LEU B 70 -19.65 11.65 7.43
C LEU B 70 -18.16 11.82 7.76
N TYR B 71 -17.44 12.59 6.94
CA TYR B 71 -16.01 12.85 7.20
C TYR B 71 -15.80 13.46 8.57
N MET B 72 -16.71 14.36 8.95
CA MET B 72 -16.59 15.07 10.22
C MET B 72 -17.05 14.22 11.40
N LYS B 73 -18.05 13.37 11.17
CA LYS B 73 -18.48 12.40 12.18
C LYS B 73 -17.32 11.49 12.58
N ASN B 74 -16.67 10.90 11.57
CA ASN B 74 -15.63 9.90 11.80
C ASN B 74 -14.27 10.49 12.19
N GLY B 75 -13.98 11.69 11.71
CA GLY B 75 -12.65 12.27 11.90
C GLY B 75 -12.38 12.67 13.33
N GLN B 76 -11.14 12.46 13.77
CA GLN B 76 -10.72 12.86 15.12
C GLN B 76 -10.01 14.21 15.10
N GLY B 77 -9.34 14.52 14.01
CA GLY B 77 -8.63 15.79 13.86
C GLY B 77 -8.71 16.33 12.45
N PHE B 78 -8.72 17.66 12.32
CA PHE B 78 -9.01 18.32 11.06
C PHE B 78 -7.99 19.40 10.70
N ALA B 79 -7.42 19.28 9.51
CA ALA B 79 -6.55 20.31 8.97
C ALA B 79 -7.37 21.10 7.96
N LEU B 80 -7.58 22.38 8.26
CA LEU B 80 -8.34 23.27 7.38
C LEU B 80 -7.33 24.11 6.62
N VAL B 81 -7.22 23.84 5.32
CA VAL B 81 -6.16 24.37 4.47
C VAL B 81 -6.70 25.42 3.50
N TYR B 82 -6.02 26.56 3.42
CA TYR B 82 -6.24 27.53 2.35
C TYR B 82 -4.91 27.82 1.68
N SER B 83 -4.96 28.52 0.55
CA SER B 83 -3.74 29.00 -0.09
C SER B 83 -3.59 30.48 0.22
N ILE B 84 -2.39 30.90 0.64
CA ILE B 84 -2.12 32.32 0.91
C ILE B 84 -2.24 33.15 -0.37
N THR B 85 -2.30 32.44 -1.50
CA THR B 85 -2.36 32.99 -2.84
C THR B 85 -3.79 33.29 -3.32
N ALA B 86 -4.80 32.80 -2.60
CA ALA B 86 -6.20 32.88 -3.06
C ALA B 86 -7.17 33.22 -1.94
N GLN B 87 -7.66 34.47 -1.95
CA GLN B 87 -8.58 34.98 -0.92
C GLN B 87 -9.80 34.09 -0.69
N SER B 88 -10.42 33.64 -1.78
CA SER B 88 -11.67 32.88 -1.69
C SER B 88 -11.48 31.61 -0.87
N THR B 89 -10.32 30.98 -0.99
CA THR B 89 -10.04 29.72 -0.26
C THR B 89 -9.95 29.95 1.25
N PHE B 90 -9.45 31.13 1.63
CA PHE B 90 -9.40 31.56 3.02
C PHE B 90 -10.81 31.84 3.53
N ASN B 91 -11.58 32.60 2.75
CA ASN B 91 -12.99 32.90 3.07
C ASN B 91 -13.85 31.64 3.29
N ASP B 92 -13.60 30.61 2.47
CA ASP B 92 -14.39 29.38 2.49
C ASP B 92 -14.27 28.56 3.78
N LEU B 93 -13.23 28.81 4.58
CA LEU B 93 -12.97 27.95 5.74
C LEU B 93 -13.87 28.20 6.95
N GLN B 94 -14.43 29.41 7.08
CA GLN B 94 -15.31 29.70 8.21
C GLN B 94 -16.47 28.72 8.30
N ASP B 95 -17.15 28.49 7.18
CA ASP B 95 -18.28 27.56 7.14
C ASP B 95 -17.89 26.11 7.45
N LEU B 96 -16.68 25.70 7.05
CA LEU B 96 -16.20 24.35 7.36
C LEU B 96 -15.96 24.18 8.86
N ARG B 97 -15.31 25.16 9.47
CA ARG B 97 -15.10 25.17 10.91
C ARG B 97 -16.44 25.03 11.65
N GLU B 98 -17.41 25.83 11.23
CA GLU B 98 -18.74 25.82 11.85
C GLU B 98 -19.44 24.47 11.63
N GLN B 99 -19.28 23.89 10.45
CA GLN B 99 -19.87 22.58 10.16
C GLN B 99 -19.29 21.50 11.07
N ILE B 100 -17.98 21.54 11.29
CA ILE B 100 -17.32 20.54 12.16
C ILE B 100 -17.85 20.61 13.59
N LEU B 101 -17.94 21.83 14.12
CA LEU B 101 -18.47 22.04 15.48
C LEU B 101 -19.92 21.56 15.61
N ARG B 102 -20.72 21.78 14.56
CA ARG B 102 -22.11 21.33 14.56
C ARG B 102 -22.20 19.81 14.61
N VAL B 103 -21.46 19.14 13.71
CA VAL B 103 -21.49 17.69 13.61
C VAL B 103 -20.96 17.02 14.88
N LYS B 104 -19.89 17.58 15.44
CA LYS B 104 -19.30 17.07 16.69
C LYS B 104 -20.08 17.50 17.93
N ASP B 105 -20.86 18.57 17.80
CA ASP B 105 -21.65 19.12 18.90
C ASP B 105 -20.73 19.56 20.07
N THR B 106 -19.60 20.15 19.72
CA THR B 106 -18.67 20.71 20.71
C THR B 106 -17.63 21.61 20.06
N ASP B 107 -17.12 22.56 20.85
CA ASP B 107 -16.00 23.42 20.46
C ASP B 107 -14.67 22.67 20.56
N ASP B 108 -14.67 21.61 21.37
CA ASP B 108 -13.46 20.90 21.73
C ASP B 108 -13.12 19.86 20.66
N VAL B 109 -12.71 20.34 19.49
CA VAL B 109 -12.35 19.47 18.37
C VAL B 109 -10.92 19.75 17.91
N PRO B 110 -10.07 18.71 17.88
CA PRO B 110 -8.71 18.89 17.35
C PRO B 110 -8.70 19.46 15.94
N MET B 111 -8.02 20.58 15.77
CA MET B 111 -8.06 21.33 14.52
C MET B 111 -6.80 22.15 14.32
N ILE B 112 -6.44 22.38 13.06
CA ILE B 112 -5.32 23.27 12.75
C ILE B 112 -5.63 24.03 11.46
N LEU B 113 -5.39 25.35 11.50
CA LEU B 113 -5.55 26.21 10.32
C LEU B 113 -4.22 26.28 9.59
N VAL B 114 -4.24 26.01 8.30
CA VAL B 114 -3.02 25.91 7.50
C VAL B 114 -3.08 26.84 6.28
N GLY B 115 -2.19 27.83 6.27
CA GLY B 115 -1.99 28.68 5.11
C GLY B 115 -0.88 28.13 4.23
N ASN B 116 -1.26 27.41 3.18
CA ASN B 116 -0.32 26.69 2.34
C ASN B 116 0.22 27.57 1.19
N LYS B 117 1.27 27.09 0.55
CA LYS B 117 1.94 27.77 -0.57
C LYS B 117 2.73 29.00 -0.09
N CYS B 118 3.31 28.91 1.10
CA CYS B 118 4.05 30.05 1.68
C CYS B 118 5.39 30.29 0.99
N ASP B 119 5.82 29.34 0.15
CA ASP B 119 6.97 29.56 -0.74
C ASP B 119 6.68 30.60 -1.83
N LEU B 120 5.40 30.87 -2.08
CA LEU B 120 4.98 31.84 -3.11
C LEU B 120 4.72 33.24 -2.52
N GLU B 121 5.75 33.81 -1.88
CA GLU B 121 5.65 35.15 -1.29
C GLU B 121 5.21 36.22 -2.31
N ASP B 122 5.69 36.10 -3.54
CA ASP B 122 5.38 37.06 -4.59
C ASP B 122 3.90 37.11 -4.96
N GLU B 123 3.18 36.02 -4.69
CA GLU B 123 1.76 35.91 -5.02
C GLU B 123 0.86 36.00 -3.79
N ARG B 124 1.41 36.33 -2.63
CA ARG B 124 0.62 36.37 -1.40
C ARG B 124 -0.53 37.37 -1.50
N VAL B 125 -1.72 36.89 -1.17
CA VAL B 125 -2.92 37.72 -1.08
C VAL B 125 -3.41 37.80 0.37
N VAL B 126 -3.40 36.66 1.05
CA VAL B 126 -3.82 36.59 2.46
C VAL B 126 -2.62 36.80 3.38
N GLY B 127 -2.59 37.94 4.07
CA GLY B 127 -1.51 38.24 5.00
C GLY B 127 -1.45 37.26 6.15
N LYS B 128 -0.26 37.04 6.70
CA LYS B 128 -0.10 36.09 7.80
C LYS B 128 -0.90 36.50 9.04
N GLU B 129 -1.05 37.81 9.25
CA GLU B 129 -1.77 38.32 10.41
C GLU B 129 -3.26 38.11 10.24
N GLN B 130 -3.74 38.02 8.99
CA GLN B 130 -5.15 37.71 8.75
CA GLN B 130 -5.13 37.70 8.70
C GLN B 130 -5.40 36.25 9.10
N GLY B 131 -4.44 35.37 8.77
CA GLY B 131 -4.52 33.97 9.16
C GLY B 131 -4.50 33.82 10.67
N GLN B 132 -3.54 34.50 11.31
CA GLN B 132 -3.44 34.52 12.78
C GLN B 132 -4.72 35.03 13.44
N ASN B 133 -5.33 36.05 12.85
CA ASN B 133 -6.57 36.65 13.35
C ASN B 133 -7.73 35.64 13.33
N LEU B 134 -7.85 34.93 12.23
CA LEU B 134 -8.88 33.90 12.09
C LEU B 134 -8.69 32.78 13.13
N ALA B 135 -7.45 32.33 13.29
CA ALA B 135 -7.14 31.28 14.27
C ALA B 135 -7.53 31.69 15.69
N ARG B 136 -7.26 32.95 16.05
CA ARG B 136 -7.66 33.48 17.36
C ARG B 136 -9.18 33.52 17.51
N GLN B 137 -9.86 33.99 16.46
CA GLN B 137 -11.33 33.98 16.41
C GLN B 137 -11.85 32.58 16.72
N TRP B 138 -11.18 31.56 16.17
CA TRP B 138 -11.55 30.17 16.40
C TRP B 138 -11.06 29.64 17.71
N ASN B 139 -11.41 30.29 18.82
CA ASN B 139 -11.07 29.79 20.14
C ASN B 139 -9.57 29.46 20.29
N ASN B 140 -8.72 30.34 19.77
CA ASN B 140 -7.27 30.14 19.84
C ASN B 140 -6.81 28.84 19.16
N CYS B 141 -7.27 28.64 17.93
CA CYS B 141 -6.94 27.45 17.15
C CYS B 141 -5.47 27.45 16.74
N ALA B 142 -4.89 26.26 16.63
CA ALA B 142 -3.53 26.11 16.12
C ALA B 142 -3.44 26.68 14.70
N PHE B 143 -2.29 27.27 14.37
CA PHE B 143 -2.08 27.90 13.07
C PHE B 143 -0.65 27.73 12.58
N LEU B 144 -0.51 27.41 11.30
CA LEU B 144 0.78 27.30 10.64
C LEU B 144 0.68 27.83 9.21
N GLU B 145 1.75 28.40 8.71
CA GLU B 145 1.90 28.61 7.27
C GLU B 145 2.85 27.53 6.77
N SER B 146 2.47 26.87 5.68
CA SER B 146 3.16 25.69 5.19
C SER B 146 3.51 25.78 3.71
N SER B 147 4.43 24.93 3.29
CA SER B 147 4.70 24.74 1.87
C SER B 147 4.97 23.26 1.59
N ALA B 148 4.11 22.66 0.78
CA ALA B 148 4.31 21.29 0.32
C ALA B 148 5.53 21.19 -0.61
N LYS B 149 5.80 22.27 -1.34
CA LYS B 149 6.90 22.30 -2.31
C LYS B 149 8.26 22.41 -1.63
N SER B 150 8.36 23.33 -0.66
CA SER B 150 9.60 23.58 0.07
C SER B 150 9.78 22.74 1.33
N LYS B 151 8.79 21.89 1.64
CA LYS B 151 8.80 21.08 2.87
C LYS B 151 8.91 21.96 4.12
N ILE B 152 8.05 22.96 4.20
CA ILE B 152 7.97 23.85 5.34
C ILE B 152 6.71 23.54 6.14
N ASN B 153 6.90 23.16 7.40
CA ASN B 153 5.81 22.87 8.34
C ASN B 153 4.81 21.81 7.86
N VAL B 154 5.29 20.83 7.08
CA VAL B 154 4.41 19.77 6.55
C VAL B 154 4.11 18.71 7.62
N ASN B 155 5.15 18.11 8.18
CA ASN B 155 4.98 17.14 9.26
C ASN B 155 4.24 17.74 10.46
N GLU B 156 4.57 19.00 10.76
CA GLU B 156 4.08 19.70 11.95
C GLU B 156 2.55 19.80 11.97
N ILE B 157 1.93 19.88 10.79
CA ILE B 157 0.46 19.87 10.66
C ILE B 157 -0.13 18.62 11.32
N PHE B 158 0.42 17.46 10.94
CA PHE B 158 -0.14 16.18 11.36
C PHE B 158 0.28 15.82 12.79
N TYR B 159 1.51 16.14 13.15
CA TYR B 159 1.97 15.89 14.53
C TYR B 159 1.14 16.71 15.52
N ASP B 160 0.82 17.95 15.16
CA ASP B 160 0.05 18.79 16.07
C ASP B 160 -1.34 18.25 16.29
N LEU B 161 -1.98 17.76 15.22
CA LEU B 161 -3.29 17.12 15.36
C LEU B 161 -3.23 15.90 16.28
N VAL B 162 -2.16 15.11 16.17
CA VAL B 162 -2.02 13.92 17.02
C VAL B 162 -1.92 14.33 18.49
N ARG B 163 -1.09 15.35 18.76
CA ARG B 163 -0.94 15.88 20.12
C ARG B 163 -2.27 16.40 20.68
N GLN B 164 -3.05 17.08 19.83
CA GLN B 164 -4.36 17.56 20.23
C GLN B 164 -5.33 16.41 20.57
N ILE B 165 -5.30 15.35 19.77
CA ILE B 165 -6.16 14.19 20.02
C ILE B 165 -5.76 13.50 21.33
N ASN B 166 -4.47 13.55 21.65
CA ASN B 166 -3.93 12.91 22.85
C ASN B 166 -4.28 13.60 24.17
N ARG B 167 -4.65 14.88 24.14
CA ARG B 167 -4.98 15.60 25.37
C ARG B 167 -6.41 15.29 25.82
C1 GOL C . -4.99 -15.65 -1.49
O1 GOL C . -4.24 -14.89 -0.54
C2 GOL C . -4.15 -15.94 -2.74
O2 GOL C . -3.61 -14.72 -3.28
C3 GOL C . -5.00 -16.69 -3.76
O3 GOL C . -5.35 -15.88 -4.88
MG MG D . -6.46 16.99 -3.92
PG GNP E . -8.50 19.34 -4.90
O1G GNP E . -8.10 17.80 -4.71
O2G GNP E . -9.37 19.79 -3.78
O3G GNP E . -9.23 19.57 -6.31
N3B GNP E . -7.06 20.28 -4.95
PB GNP E . -5.82 20.17 -3.76
O1B GNP E . -5.56 18.64 -3.38
O2B GNP E . -6.16 20.99 -2.57
O3A GNP E . -4.52 20.82 -4.45
PA GNP E . -3.26 19.98 -4.97
O1A GNP E . -2.53 19.38 -3.80
O2A GNP E . -3.66 19.11 -6.13
O5' GNP E . -2.39 21.22 -5.51
C5' GNP E . -2.91 22.05 -6.54
C4' GNP E . -1.75 22.67 -7.31
O4' GNP E . -1.02 23.54 -6.44
C3' GNP E . -0.76 21.64 -7.82
O3' GNP E . -0.28 22.07 -9.10
C2' GNP E . 0.36 21.65 -6.80
O2' GNP E . 1.63 21.30 -7.34
C1' GNP E . 0.33 23.08 -6.30
N9 GNP E . 0.78 23.19 -4.89
C8 GNP E . 0.29 22.53 -3.83
N7 GNP E . 0.95 22.89 -2.69
C5 GNP E . 1.86 23.82 -3.05
C6 GNP E . 2.88 24.63 -2.36
O6 GNP E . 3.04 24.52 -1.13
N1 GNP E . 3.63 25.48 -3.10
C2 GNP E . 3.47 25.61 -4.43
N2 GNP E . 4.26 26.49 -5.10
N3 GNP E . 2.55 24.90 -5.13
C4 GNP E . 1.74 24.02 -4.50
#